data_2YN7
#
_entry.id   2YN7
#
_cell.length_a   40.910
_cell.length_b   51.120
_cell.length_c   58.880
_cell.angle_alpha   90.34
_cell.angle_beta   96.21
_cell.angle_gamma   94.40
#
_symmetry.space_group_name_H-M   'P 1'
#
loop_
_entity.id
_entity.type
_entity.pdbx_description
1 polymer 'OUTER SURFACE PROTEIN'
2 water water
#
_entity_poly.entity_id   1
_entity_poly.type   'polypeptide(L)'
_entity_poly.pdbx_seq_one_letter_code
;GAMGSGSKLQTLKNELIRAISEEKNKTQNNFGFRETYDQFKMKDSAFELLDVISSAKVYDRSYAPQLNSNTPEAENERNK
FYALMDFDQYKIEQFGSIMEALYNENQNHSLIRELMISGLGTQISFELALEEINKKIEIFNQDYLNAKINSFDFTMKLKE
LKSKLNQILDKRKEWSRQADGLIANASSNSSLSDSKSLAEYIKKRYLDNMQNARQSVLEAYISIM
;
_entity_poly.pdbx_strand_id   A,B
#
# COMPACT_ATOMS: atom_id res chain seq x y z
N SER A 7 41.73 21.54 3.66
CA SER A 7 41.10 21.65 4.95
C SER A 7 40.28 20.44 5.17
N LYS A 8 40.57 19.75 6.24
CA LYS A 8 39.72 18.74 6.77
C LYS A 8 38.46 19.42 7.24
N LEU A 9 38.62 20.57 7.88
CA LEU A 9 37.51 21.31 8.44
C LEU A 9 36.52 21.76 7.37
N GLN A 10 37.05 22.33 6.28
CA GLN A 10 36.25 22.77 5.13
C GLN A 10 35.54 21.64 4.39
N THR A 11 36.16 20.46 4.36
CA THR A 11 35.51 19.24 3.86
C THR A 11 34.28 18.95 4.71
N LEU A 12 34.50 18.79 6.02
CA LEU A 12 33.44 18.49 6.97
C LEU A 12 32.25 19.45 6.87
N LYS A 13 32.53 20.75 6.94
CA LYS A 13 31.53 21.80 6.77
C LYS A 13 30.81 21.76 5.42
N ASN A 14 31.52 21.47 4.34
CA ASN A 14 30.87 21.41 3.03
C ASN A 14 29.99 20.16 2.82
N GLU A 15 30.49 19.03 3.27
CA GLU A 15 29.72 17.84 3.36
C GLU A 15 28.39 18.17 3.99
N LEU A 16 28.44 18.71 5.20
CA LEU A 16 27.27 19.04 5.97
C LEU A 16 26.30 19.97 5.29
N ILE A 17 26.80 21.06 4.75
CA ILE A 17 25.97 21.99 4.06
C ILE A 17 25.31 21.35 2.85
N ARG A 18 26.00 20.46 2.15
CA ARG A 18 25.41 19.75 1.02
C ARG A 18 24.34 18.77 1.42
N ALA A 19 24.63 17.97 2.44
CA ALA A 19 23.68 17.00 2.94
C ALA A 19 22.42 17.67 3.41
N ILE A 20 22.53 18.78 4.10
CA ILE A 20 21.34 19.51 4.52
C ILE A 20 20.52 20.01 3.35
N SER A 21 21.19 20.55 2.36
CA SER A 21 20.61 20.98 1.10
C SER A 21 19.84 19.92 0.34
N GLU A 22 20.45 18.78 0.08
CA GLU A 22 19.77 17.68 -0.56
C GLU A 22 18.56 17.21 0.23
N GLU A 23 18.66 17.17 1.52
CA GLU A 23 17.53 16.79 2.30
C GLU A 23 16.44 17.82 2.18
N LYS A 24 16.82 19.08 2.09
CA LYS A 24 15.87 20.12 1.94
C LYS A 24 15.18 20.12 0.58
N ASN A 25 15.91 19.82 -0.48
CA ASN A 25 15.33 19.72 -1.79
C ASN A 25 14.31 18.62 -1.85
N LYS A 26 14.59 17.53 -1.14
CA LYS A 26 13.74 16.34 -1.16
C LYS A 26 12.31 16.63 -0.71
N THR A 27 12.26 17.08 0.54
CA THR A 27 11.07 17.51 1.25
C THR A 27 10.22 18.42 0.42
N GLN A 28 10.75 18.86 -0.69
CA GLN A 28 9.99 19.75 -1.53
C GLN A 28 9.63 19.09 -2.84
N ASN A 29 10.61 18.46 -3.44
CA ASN A 29 10.59 18.14 -4.86
C ASN A 29 9.36 17.36 -5.33
N ASN A 30 8.18 17.95 -5.18
CA ASN A 30 7.01 17.24 -5.58
C ASN A 30 7.23 16.74 -6.97
N PHE A 31 7.60 17.66 -7.87
CA PHE A 31 7.85 17.32 -9.26
C PHE A 31 6.58 17.13 -10.05
N GLY A 32 5.62 17.96 -9.80
CA GLY A 32 4.28 17.68 -10.22
C GLY A 32 3.69 16.47 -9.52
N PHE A 33 3.85 16.44 -8.21
CA PHE A 33 3.09 15.51 -7.37
C PHE A 33 1.79 16.20 -7.08
N ARG A 34 0.70 15.48 -7.29
CA ARG A 34 -0.60 16.06 -7.01
C ARG A 34 -1.35 15.22 -6.00
N GLU A 35 -1.93 15.89 -5.02
CA GLU A 35 -2.80 15.28 -4.04
C GLU A 35 -4.05 14.83 -4.77
N THR A 36 -4.46 13.61 -4.51
CA THR A 36 -5.73 13.16 -5.02
C THR A 36 -6.93 13.93 -4.40
N TYR A 37 -8.11 13.87 -5.02
CA TYR A 37 -9.28 14.66 -4.59
C TYR A 37 -9.82 14.27 -3.20
N ASP A 38 -9.74 12.98 -2.89
CA ASP A 38 -10.18 12.44 -1.61
C ASP A 38 -9.01 12.40 -0.62
N GLN A 39 -7.94 13.10 -0.97
CA GLN A 39 -6.73 13.16 -0.14
C GLN A 39 -6.18 11.76 0.25
N PHE A 40 -6.12 10.86 -0.73
CA PHE A 40 -5.57 9.49 -0.56
C PHE A 40 -6.36 8.71 0.46
N LYS A 41 -7.68 8.91 0.40
CA LYS A 41 -8.66 8.26 1.28
C LYS A 41 -8.64 8.80 2.71
N MET A 42 -8.05 9.95 2.91
CA MET A 42 -7.94 10.52 4.22
C MET A 42 -8.68 11.83 4.42
N LYS A 43 -9.21 12.38 3.37
CA LYS A 43 -10.11 13.51 3.54
C LYS A 43 -11.25 13.22 4.51
N ASP A 44 -11.96 12.13 4.29
CA ASP A 44 -13.02 11.78 5.19
C ASP A 44 -12.63 10.67 6.14
N SER A 45 -11.40 10.70 6.62
CA SER A 45 -10.90 9.83 7.69
C SER A 45 -9.74 10.47 8.48
N ALA A 46 -8.51 10.05 8.25
CA ALA A 46 -7.40 10.46 9.09
C ALA A 46 -7.19 11.97 9.25
N PHE A 47 -7.24 12.69 8.14
CA PHE A 47 -7.16 14.12 8.11
C PHE A 47 -8.37 14.85 8.76
N GLU A 48 -9.45 14.16 9.01
CA GLU A 48 -10.56 14.74 9.74
C GLU A 48 -10.30 14.84 11.27
N LEU A 49 -9.33 14.07 11.78
CA LEU A 49 -9.21 13.85 13.23
C LEU A 49 -8.24 14.79 13.94
N LEU A 50 -7.71 15.77 13.22
CA LEU A 50 -6.65 16.67 13.71
C LEU A 50 -6.83 18.02 13.06
N ASP A 51 -6.41 19.09 13.76
CA ASP A 51 -6.13 20.38 13.15
C ASP A 51 -4.63 20.49 12.89
N VAL A 52 -4.28 21.35 11.96
CA VAL A 52 -2.88 21.67 11.66
C VAL A 52 -1.97 21.76 12.89
N ILE A 53 -0.88 20.98 12.84
CA ILE A 53 0.11 20.86 13.93
C ILE A 53 1.08 22.05 14.06
N SER A 54 1.77 22.42 12.98
CA SER A 54 2.54 23.64 13.01
C SER A 54 1.61 24.78 12.66
N ASP A 60 -2.51 32.49 15.99
CA ASP A 60 -3.21 31.97 17.18
C ASP A 60 -4.11 30.73 16.97
N ARG A 61 -3.98 29.80 17.91
CA ARG A 61 -4.39 28.43 17.78
C ARG A 61 -5.84 28.15 17.54
N SER A 62 -6.68 29.09 17.84
CA SER A 62 -8.06 29.02 17.45
C SER A 62 -8.29 28.92 15.95
N TYR A 63 -7.34 29.38 15.15
CA TYR A 63 -7.47 29.41 13.70
C TYR A 63 -6.76 28.30 12.99
N ALA A 64 -6.23 27.33 13.74
CA ALA A 64 -5.55 26.19 13.13
C ALA A 64 -6.62 25.37 12.46
N PRO A 65 -6.66 25.40 11.10
CA PRO A 65 -7.70 24.75 10.29
C PRO A 65 -7.66 23.23 10.43
N GLN A 66 -8.80 22.58 10.14
CA GLN A 66 -8.83 21.13 10.12
C GLN A 66 -7.86 20.67 9.03
N LEU A 67 -7.18 19.58 9.31
CA LEU A 67 -6.11 19.11 8.43
C LEU A 67 -6.61 18.65 7.04
N ASN A 68 -7.90 18.33 6.94
CA ASN A 68 -8.49 17.94 5.67
C ASN A 68 -9.11 19.14 4.89
N SER A 69 -9.04 20.34 5.47
CA SER A 69 -9.71 21.49 4.87
C SER A 69 -9.04 22.07 3.60
N ASN A 70 -9.88 22.75 2.81
CA ASN A 70 -9.44 23.55 1.66
C ASN A 70 -8.83 24.89 2.04
N THR A 71 -7.78 24.86 2.84
CA THR A 71 -7.07 26.06 3.21
C THR A 71 -5.66 25.82 2.74
N PRO A 72 -4.86 26.89 2.53
CA PRO A 72 -3.52 26.58 2.04
C PRO A 72 -2.58 26.06 3.12
N GLU A 73 -2.84 26.42 4.38
CA GLU A 73 -2.06 25.89 5.51
C GLU A 73 -2.35 24.42 5.78
N ALA A 74 -3.60 23.95 5.63
CA ALA A 74 -3.85 22.50 5.75
C ALA A 74 -3.23 21.71 4.58
N GLU A 75 -3.29 22.26 3.36
CA GLU A 75 -2.66 21.62 2.24
C GLU A 75 -1.15 21.49 2.43
N ASN A 76 -0.50 22.54 2.94
CA ASN A 76 0.94 22.53 3.23
C ASN A 76 1.28 21.45 4.25
N GLU A 77 0.42 21.29 5.26
CA GLU A 77 0.60 20.24 6.24
C GLU A 77 0.38 18.84 5.68
N ARG A 78 -0.74 18.61 5.02
CA ARG A 78 -0.88 17.34 4.28
C ARG A 78 0.35 17.09 3.40
N ASN A 79 0.90 18.11 2.73
CA ASN A 79 2.09 17.91 1.89
C ASN A 79 3.34 17.44 2.67
N LYS A 80 3.40 17.74 3.97
CA LYS A 80 4.40 17.16 4.88
C LYS A 80 4.16 15.71 5.14
N PHE A 81 2.89 15.30 5.26
CA PHE A 81 2.64 13.89 5.39
C PHE A 81 3.17 13.13 4.16
N TYR A 82 2.93 13.68 2.96
CA TYR A 82 3.31 13.03 1.69
C TYR A 82 4.82 13.03 1.54
N ALA A 83 5.47 14.13 1.93
CA ALA A 83 6.93 14.14 2.08
C ALA A 83 7.46 13.03 3.02
N LEU A 84 6.75 12.79 4.14
CA LEU A 84 7.12 11.69 5.06
C LEU A 84 7.21 10.36 4.29
N MET A 85 6.32 10.20 3.30
CA MET A 85 6.22 8.99 2.50
C MET A 85 6.85 9.17 1.13
N ASP A 86 7.80 10.12 1.02
CA ASP A 86 8.57 10.34 -0.22
C ASP A 86 7.78 10.65 -1.48
N PHE A 87 6.67 11.36 -1.35
CA PHE A 87 5.76 11.68 -2.45
C PHE A 87 5.40 10.49 -3.31
N ASP A 88 5.34 9.35 -2.66
CA ASP A 88 5.05 8.07 -3.26
C ASP A 88 3.57 7.82 -3.17
N GLN A 89 2.92 8.04 -4.28
CA GLN A 89 1.50 8.09 -4.28
C GLN A 89 0.80 6.81 -3.94
N TYR A 90 1.31 5.67 -4.32
CA TYR A 90 0.63 4.44 -3.98
C TYR A 90 0.90 3.96 -2.55
N LYS A 91 2.05 4.28 -2.00
CA LYS A 91 2.28 4.07 -0.60
C LYS A 91 1.35 4.93 0.26
N ILE A 92 1.18 6.19 -0.10
CA ILE A 92 0.24 7.06 0.61
C ILE A 92 -1.20 6.54 0.51
N GLU A 93 -1.58 6.15 -0.69
CA GLU A 93 -2.91 5.55 -0.92
C GLU A 93 -3.09 4.29 -0.09
N GLN A 94 -2.07 3.44 -0.07
CA GLN A 94 -2.13 2.15 0.66
C GLN A 94 -2.28 2.42 2.18
N PHE A 95 -1.59 3.46 2.67
CA PHE A 95 -1.71 3.87 4.06
C PHE A 95 -3.09 4.50 4.29
N GLY A 96 -3.53 5.38 3.39
CA GLY A 96 -4.83 6.01 3.52
C GLY A 96 -6.01 5.03 3.61
N SER A 97 -5.86 3.90 2.91
CA SER A 97 -6.93 2.95 2.76
C SER A 97 -7.09 2.13 4.02
N ILE A 98 -5.96 1.83 4.70
CA ILE A 98 -6.00 1.24 6.06
C ILE A 98 -6.58 2.23 7.08
N MET A 99 -6.25 3.52 6.95
CA MET A 99 -6.87 4.51 7.84
C MET A 99 -8.38 4.57 7.63
N GLU A 100 -8.79 4.50 6.36
CA GLU A 100 -10.21 4.51 6.02
C GLU A 100 -10.97 3.27 6.56
N ALA A 101 -10.38 2.09 6.41
CA ALA A 101 -10.89 0.88 7.07
C ALA A 101 -11.07 1.11 8.58
N LEU A 102 -10.05 1.61 9.29
CA LEU A 102 -10.15 1.86 10.77
C LEU A 102 -11.24 2.88 11.16
N TYR A 103 -11.40 3.90 10.33
CA TYR A 103 -12.36 4.95 10.59
C TYR A 103 -13.81 4.50 10.73
N ASN A 104 -14.12 3.29 10.32
CA ASN A 104 -15.44 2.73 10.46
C ASN A 104 -16.02 2.68 11.84
N GLU A 105 -15.19 2.31 12.78
CA GLU A 105 -15.53 2.30 14.17
C GLU A 105 -14.92 3.48 14.82
N ASN A 106 -15.73 4.35 15.38
CA ASN A 106 -15.21 5.50 16.12
C ASN A 106 -14.28 5.19 17.29
N GLN A 107 -14.31 3.98 17.75
CA GLN A 107 -13.37 3.60 18.78
C GLN A 107 -11.94 3.38 18.30
N ASN A 108 -11.72 3.31 16.98
CA ASN A 108 -10.35 3.32 16.43
C ASN A 108 -9.82 4.72 16.17
N HIS A 109 -10.67 5.76 16.27
CA HIS A 109 -10.33 7.12 15.81
C HIS A 109 -9.17 7.72 16.53
N SER A 110 -9.08 7.47 17.82
CA SER A 110 -7.94 8.02 18.57
C SER A 110 -6.60 7.32 18.23
N LEU A 111 -6.64 6.03 17.87
CA LEU A 111 -5.47 5.36 17.26
C LEU A 111 -5.06 6.03 15.93
N ILE A 112 -6.04 6.25 15.05
CA ILE A 112 -5.77 6.87 13.78
C ILE A 112 -5.11 8.22 14.05
N ARG A 113 -5.73 9.03 14.89
CA ARG A 113 -5.14 10.34 15.31
C ARG A 113 -3.71 10.19 15.89
N GLU A 114 -3.50 9.22 16.79
CA GLU A 114 -2.18 8.93 17.35
C GLU A 114 -1.19 8.59 16.22
N LEU A 115 -1.62 7.75 15.27
CA LEU A 115 -0.74 7.38 14.13
C LEU A 115 -0.36 8.59 13.28
N MET A 116 -1.31 9.46 13.01
CA MET A 116 -1.04 10.64 12.17
C MET A 116 -0.18 11.67 12.84
N ILE A 117 -0.31 11.80 14.17
CA ILE A 117 0.56 12.68 14.97
C ILE A 117 1.99 12.15 14.93
N SER A 118 2.18 10.82 15.10
CA SER A 118 3.55 10.23 15.12
C SER A 118 4.24 10.56 13.81
N GLY A 119 3.51 10.39 12.68
CA GLY A 119 4.09 10.62 11.36
C GLY A 119 4.30 12.07 10.95
N LEU A 120 3.24 12.85 11.07
CA LEU A 120 3.31 14.25 10.70
C LEU A 120 4.25 14.92 11.70
N GLY A 121 4.21 14.49 12.95
CA GLY A 121 5.14 15.02 13.94
C GLY A 121 6.58 14.67 13.60
N THR A 122 6.81 13.46 13.12
CA THR A 122 8.16 13.10 12.74
C THR A 122 8.70 14.06 11.63
N GLN A 123 7.87 14.33 10.61
CA GLN A 123 8.27 15.14 9.47
C GLN A 123 8.49 16.61 9.83
N ILE A 124 7.66 17.16 10.71
CA ILE A 124 7.75 18.57 11.07
C ILE A 124 9.08 18.85 11.84
N SER A 125 9.34 18.05 12.86
CA SER A 125 10.57 18.10 13.64
C SER A 125 11.78 17.91 12.74
N PHE A 126 11.71 16.92 11.83
CA PHE A 126 12.72 16.68 10.80
C PHE A 126 13.07 17.97 10.05
N GLU A 127 12.05 18.65 9.51
CA GLU A 127 12.28 19.82 8.67
C GLU A 127 12.74 21.04 9.49
N LEU A 128 12.23 21.17 10.71
CA LEU A 128 12.68 22.20 11.63
C LEU A 128 14.15 21.97 12.05
N ALA A 129 14.50 20.71 12.27
CA ALA A 129 15.85 20.32 12.62
C ALA A 129 16.83 20.61 11.46
N LEU A 130 16.50 20.28 10.22
CA LEU A 130 17.34 20.63 9.07
C LEU A 130 17.64 22.13 9.06
N GLU A 131 16.63 22.91 9.38
CA GLU A 131 16.70 24.36 9.34
C GLU A 131 17.53 24.83 10.54
N GLU A 132 17.30 24.21 11.68
CA GLU A 132 18.11 24.46 12.86
C GLU A 132 19.62 24.15 12.65
N ILE A 133 19.91 23.08 11.92
CA ILE A 133 21.30 22.66 11.70
C ILE A 133 22.00 23.67 10.81
N ASN A 134 21.24 24.14 9.84
CA ASN A 134 21.69 25.10 8.86
C ASN A 134 22.06 26.44 9.52
N LYS A 135 21.15 26.95 10.34
CA LYS A 135 21.34 28.12 11.23
C LYS A 135 22.59 28.02 12.10
N LYS A 136 22.79 26.88 12.75
CA LYS A 136 23.94 26.65 13.63
C LYS A 136 25.28 26.60 12.86
N ILE A 137 25.32 25.91 11.71
CA ILE A 137 26.49 25.94 10.82
C ILE A 137 26.89 27.40 10.53
N GLU A 138 25.92 28.21 10.13
CA GLU A 138 26.09 29.64 9.77
C GLU A 138 26.62 30.51 10.92
N ILE A 139 25.96 30.45 12.08
CA ILE A 139 26.42 31.06 13.36
C ILE A 139 27.86 30.64 13.69
N PHE A 140 28.10 29.34 13.77
CA PHE A 140 29.43 28.82 14.06
C PHE A 140 30.51 29.26 13.06
N ASN A 141 30.19 29.21 11.78
CA ASN A 141 31.11 29.71 10.79
C ASN A 141 31.48 31.19 11.01
N GLN A 142 30.49 32.05 11.28
CA GLN A 142 30.77 33.46 11.64
C GLN A 142 31.65 33.52 12.88
N ASP A 143 31.32 32.74 13.90
CA ASP A 143 32.07 32.77 15.15
C ASP A 143 33.55 32.44 14.91
N TYR A 144 33.77 31.48 14.02
CA TYR A 144 35.12 31.12 13.62
C TYR A 144 35.75 32.20 12.73
N LEU A 145 35.00 32.74 11.77
CA LEU A 145 35.46 33.89 10.98
C LEU A 145 35.82 35.12 11.85
N ASN A 146 35.05 35.39 12.88
CA ASN A 146 35.31 36.42 13.84
C ASN A 146 36.31 36.02 14.87
N ALA A 147 36.92 34.87 14.70
CA ALA A 147 37.84 34.30 15.66
C ALA A 147 37.37 34.18 17.09
N LYS A 148 36.08 33.98 17.27
CA LYS A 148 35.55 33.75 18.57
C LYS A 148 35.81 32.31 18.98
N ILE A 149 35.89 31.42 18.01
CA ILE A 149 36.18 30.02 18.27
C ILE A 149 37.29 29.47 17.41
N ASN A 150 38.00 28.46 17.87
CA ASN A 150 39.07 27.91 17.04
C ASN A 150 38.55 26.77 16.12
N SER A 151 39.42 26.11 15.38
CA SER A 151 38.97 25.11 14.42
C SER A 151 38.58 23.78 15.07
N PHE A 152 39.14 23.49 16.23
CA PHE A 152 38.78 22.30 16.99
C PHE A 152 37.32 22.40 17.51
N ASP A 153 36.96 23.57 18.07
CA ASP A 153 35.60 23.87 18.53
C ASP A 153 34.61 23.84 17.37
N PHE A 154 34.92 24.55 16.29
CA PHE A 154 34.15 24.46 15.06
C PHE A 154 33.95 22.99 14.56
N THR A 155 35.00 22.15 14.69
CA THR A 155 34.98 20.75 14.24
C THR A 155 34.12 19.89 15.15
N MET A 156 34.27 20.02 16.47
CA MET A 156 33.39 19.32 17.40
C MET A 156 31.93 19.71 17.13
N LYS A 157 31.64 21.00 17.15
CA LYS A 157 30.29 21.46 16.83
C LYS A 157 29.75 20.81 15.54
N LEU A 158 30.54 20.81 14.46
CA LEU A 158 30.10 20.25 13.18
C LEU A 158 29.88 18.75 13.22
N LYS A 159 30.75 18.08 13.94
CA LYS A 159 30.65 16.65 14.14
C LYS A 159 29.36 16.33 14.85
N GLU A 160 29.04 17.10 15.89
CA GLU A 160 27.86 16.85 16.71
C GLU A 160 26.57 17.17 15.93
N LEU A 161 26.56 18.30 15.22
CA LEU A 161 25.51 18.61 14.27
C LEU A 161 25.31 17.46 13.27
N LYS A 162 26.41 16.90 12.78
CA LYS A 162 26.39 15.87 11.74
C LYS A 162 25.76 14.60 12.33
N SER A 163 26.05 14.33 13.60
CA SER A 163 25.53 13.16 14.31
C SER A 163 24.00 13.25 14.56
N LYS A 164 23.53 14.44 14.90
CA LYS A 164 22.11 14.72 15.00
C LYS A 164 21.41 14.59 13.66
N LEU A 165 22.03 15.08 12.59
CA LEU A 165 21.48 14.87 11.25
C LEU A 165 21.28 13.37 10.99
N ASN A 166 22.27 12.55 11.35
CA ASN A 166 22.20 11.09 11.19
C ASN A 166 21.11 10.41 12.05
N GLN A 167 20.94 10.90 13.28
CA GLN A 167 19.86 10.44 14.14
C GLN A 167 18.48 10.70 13.53
N ILE A 168 18.24 11.92 13.02
CA ILE A 168 16.90 12.27 12.50
C ILE A 168 16.58 11.54 11.18
N LEU A 169 17.59 11.40 10.32
CA LEU A 169 17.48 10.60 9.10
C LEU A 169 17.09 9.17 9.41
N ASP A 170 17.86 8.50 10.29
CA ASP A 170 17.58 7.12 10.70
C ASP A 170 16.19 6.95 11.30
N LYS A 171 15.78 7.88 12.15
CA LYS A 171 14.50 7.81 12.83
C LYS A 171 13.30 8.09 11.93
N ARG A 172 13.43 9.10 11.04
CA ARG A 172 12.42 9.36 9.99
C ARG A 172 12.27 8.13 9.09
N LYS A 173 13.38 7.43 8.86
CA LYS A 173 13.35 6.19 8.10
C LYS A 173 12.77 5.08 8.95
N GLU A 174 13.09 5.02 10.23
CA GLU A 174 12.44 4.05 11.10
C GLU A 174 10.89 4.10 11.00
N TRP A 175 10.33 5.30 11.04
CA TRP A 175 8.86 5.45 10.97
C TRP A 175 8.36 4.93 9.66
N SER A 176 9.06 5.31 8.61
CA SER A 176 8.69 4.97 7.25
C SER A 176 8.61 3.45 7.00
N ARG A 177 9.48 2.70 7.66
CA ARG A 177 9.55 1.25 7.51
C ARG A 177 8.49 0.59 8.36
N GLN A 178 8.14 1.19 9.50
CA GLN A 178 6.95 0.81 10.25
C GLN A 178 5.73 0.89 9.32
N ALA A 179 5.63 2.00 8.59
CA ALA A 179 4.52 2.17 7.68
C ALA A 179 4.55 1.13 6.54
N ASP A 180 5.74 0.83 5.99
CA ASP A 180 5.86 -0.25 4.97
C ASP A 180 5.37 -1.60 5.50
N GLY A 181 5.82 -1.96 6.71
CA GLY A 181 5.42 -3.23 7.31
C GLY A 181 3.90 -3.37 7.36
N LEU A 182 3.24 -2.33 7.87
CA LEU A 182 1.78 -2.26 8.04
C LEU A 182 1.03 -2.31 6.70
N ILE A 183 1.58 -1.61 5.70
CA ILE A 183 1.08 -1.64 4.32
C ILE A 183 1.18 -3.03 3.66
N ALA A 184 2.37 -3.63 3.75
CA ALA A 184 2.58 -4.96 3.26
C ALA A 184 1.55 -5.94 3.89
N ASN A 185 1.20 -5.74 5.16
CA ASN A 185 0.29 -6.67 5.82
C ASN A 185 -1.17 -6.36 5.53
N ALA A 186 -1.53 -5.08 5.62
CA ALA A 186 -2.93 -4.72 5.65
C ALA A 186 -3.53 -3.97 4.44
N SER A 187 -2.75 -3.37 3.55
CA SER A 187 -3.41 -2.58 2.48
C SER A 187 -4.18 -3.41 1.43
N SER A 188 -3.98 -4.73 1.40
CA SER A 188 -4.74 -5.62 0.53
C SER A 188 -6.19 -5.89 0.97
N ASN A 189 -6.42 -5.87 2.30
CA ASN A 189 -7.59 -6.46 2.91
C ASN A 189 -8.17 -5.75 4.17
N SER A 190 -7.63 -4.60 4.57
CA SER A 190 -8.09 -3.93 5.82
C SER A 190 -9.62 -3.78 5.96
N SER A 191 -10.29 -3.34 4.90
CA SER A 191 -11.76 -3.14 4.94
C SER A 191 -12.56 -4.46 4.94
N LEU A 192 -11.85 -5.56 4.79
CA LEU A 192 -12.41 -6.90 4.81
C LEU A 192 -12.15 -7.57 6.14
N SER A 193 -11.36 -6.94 6.98
CA SER A 193 -10.97 -7.52 8.24
C SER A 193 -11.80 -7.03 9.39
N ASP A 194 -11.81 -7.80 10.45
CA ASP A 194 -12.33 -7.36 11.71
C ASP A 194 -11.57 -6.07 12.08
N SER A 195 -12.30 -5.02 12.38
CA SER A 195 -11.71 -3.73 12.66
C SER A 195 -10.93 -3.73 13.95
N LYS A 196 -11.47 -4.36 14.97
CA LYS A 196 -10.82 -4.52 16.28
C LYS A 196 -9.44 -5.20 16.13
N SER A 197 -9.39 -6.34 15.45
CA SER A 197 -8.13 -7.10 15.26
C SER A 197 -7.08 -6.30 14.53
N LEU A 198 -7.54 -5.48 13.58
CA LEU A 198 -6.67 -4.62 12.80
C LEU A 198 -6.05 -3.53 13.68
N ALA A 199 -6.89 -2.86 14.47
CA ALA A 199 -6.43 -1.90 15.48
C ALA A 199 -5.42 -2.53 16.46
N GLU A 200 -5.76 -3.73 16.94
CA GLU A 200 -4.92 -4.44 17.91
C GLU A 200 -3.55 -4.77 17.36
N TYR A 201 -3.56 -5.28 16.12
CA TYR A 201 -2.34 -5.55 15.37
C TYR A 201 -1.47 -4.28 15.30
N ILE A 202 -2.03 -3.17 14.85
CA ILE A 202 -1.25 -1.92 14.79
C ILE A 202 -0.68 -1.49 16.15
N LYS A 203 -1.48 -1.52 17.18
CA LYS A 203 -1.05 -1.14 18.50
C LYS A 203 0.08 -2.00 19.00
N LYS A 204 0.09 -3.23 18.59
CA LYS A 204 0.98 -4.18 19.14
C LYS A 204 2.24 -4.29 18.31
N ARG A 205 2.13 -4.17 17.03
CA ARG A 205 3.27 -4.27 16.18
C ARG A 205 3.94 -2.97 15.82
N TYR A 206 3.19 -1.90 15.74
CA TYR A 206 3.67 -0.68 15.12
C TYR A 206 3.61 0.59 15.95
N LEU A 207 2.61 0.77 16.78
CA LEU A 207 2.41 2.07 17.43
C LEU A 207 3.61 2.59 18.23
N ASP A 208 4.11 1.82 19.20
CA ASP A 208 5.32 2.19 19.96
C ASP A 208 6.53 2.54 19.07
N ASN A 209 6.83 1.71 18.08
CA ASN A 209 7.95 2.07 17.18
C ASN A 209 7.72 3.42 16.49
N MET A 210 6.46 3.73 16.17
CA MET A 210 6.14 4.99 15.46
C MET A 210 6.26 6.19 16.37
N GLN A 211 5.74 6.07 17.57
CA GLN A 211 5.77 7.10 18.56
C GLN A 211 7.20 7.37 19.02
N ASN A 212 8.02 6.34 19.05
CA ASN A 212 9.39 6.51 19.38
C ASN A 212 10.22 7.12 18.27
N ALA A 213 9.98 6.79 17.02
CA ALA A 213 10.61 7.54 15.99
C ALA A 213 10.32 9.01 16.20
N ARG A 214 9.10 9.34 16.59
CA ARG A 214 8.72 10.72 16.71
C ARG A 214 9.37 11.47 17.84
N GLN A 215 9.36 10.88 19.02
CA GLN A 215 10.07 11.40 20.15
C GLN A 215 11.57 11.62 19.90
N SER A 216 12.21 10.67 19.26
CA SER A 216 13.60 10.76 18.98
C SER A 216 13.91 11.92 18.09
N VAL A 217 13.17 12.07 17.02
CA VAL A 217 13.43 13.19 16.10
C VAL A 217 13.16 14.51 16.84
N LEU A 218 12.03 14.59 17.55
CA LEU A 218 11.65 15.73 18.41
C LEU A 218 12.77 16.13 19.38
N GLU A 219 13.29 15.17 20.15
CA GLU A 219 14.35 15.43 21.12
C GLU A 219 15.65 15.85 20.45
N ALA A 220 15.94 15.27 19.28
CA ALA A 220 17.10 15.68 18.49
C ALA A 220 17.02 17.17 18.09
N TYR A 221 15.93 17.56 17.43
CA TYR A 221 15.64 18.99 17.18
C TYR A 221 15.73 19.89 18.43
N ILE A 222 15.10 19.49 19.53
CA ILE A 222 15.22 20.26 20.79
C ILE A 222 16.68 20.48 21.23
N SER A 223 17.50 19.44 21.10
CA SER A 223 18.90 19.46 21.53
C SER A 223 19.88 20.24 20.66
N ILE A 224 19.40 20.85 19.58
CA ILE A 224 20.21 21.65 18.63
C ILE A 224 20.02 23.15 18.84
N MET A 225 18.88 23.57 19.40
CA MET A 225 18.54 25.01 19.53
C MET A 225 19.39 25.83 20.51
N SER B 7 -39.20 -29.08 -16.81
CA SER B 7 -39.13 -28.03 -15.78
C SER B 7 -37.97 -27.11 -16.14
N LYS B 8 -38.28 -25.92 -16.65
CA LYS B 8 -37.21 -24.94 -16.96
C LYS B 8 -36.53 -24.32 -15.72
N LEU B 9 -37.17 -24.39 -14.56
CA LEU B 9 -36.55 -23.98 -13.30
C LEU B 9 -35.37 -24.86 -12.98
N GLN B 10 -35.59 -26.17 -13.10
CA GLN B 10 -34.56 -27.18 -12.93
C GLN B 10 -33.39 -27.10 -13.95
N THR B 11 -33.72 -26.70 -15.17
CA THR B 11 -32.72 -26.46 -16.21
C THR B 11 -31.81 -25.26 -15.85
N LEU B 12 -32.43 -24.15 -15.43
CA LEU B 12 -31.70 -22.96 -15.01
C LEU B 12 -30.77 -23.27 -13.83
N LYS B 13 -31.27 -24.04 -12.91
CA LYS B 13 -30.59 -24.42 -11.71
C LYS B 13 -29.43 -25.33 -12.01
N ASN B 14 -29.64 -26.27 -12.91
CA ASN B 14 -28.63 -27.22 -13.23
C ASN B 14 -27.53 -26.56 -14.08
N GLU B 15 -27.94 -25.67 -14.93
CA GLU B 15 -27.02 -24.96 -15.75
C GLU B 15 -25.95 -24.30 -14.89
N LEU B 16 -26.40 -23.71 -13.80
CA LEU B 16 -25.58 -22.87 -12.97
C LEU B 16 -24.76 -23.69 -12.02
N ILE B 17 -25.28 -24.81 -11.61
CA ILE B 17 -24.51 -25.72 -10.78
C ILE B 17 -23.33 -26.26 -11.58
N ARG B 18 -23.63 -26.78 -12.77
CA ARG B 18 -22.58 -27.29 -13.67
C ARG B 18 -21.49 -26.23 -13.89
N ALA B 19 -21.91 -25.03 -14.29
CA ALA B 19 -20.99 -23.93 -14.57
C ALA B 19 -20.12 -23.56 -13.37
N ILE B 20 -20.69 -23.54 -12.16
CA ILE B 20 -19.89 -23.30 -10.95
C ILE B 20 -18.86 -24.40 -10.73
N SER B 21 -19.31 -25.64 -10.93
CA SER B 21 -18.51 -26.86 -10.83
C SER B 21 -17.34 -26.90 -11.83
N GLU B 22 -17.61 -26.51 -13.07
CA GLU B 22 -16.55 -26.42 -14.07
C GLU B 22 -15.50 -25.39 -13.66
N GLU B 23 -15.94 -24.20 -13.24
CA GLU B 23 -15.04 -23.16 -12.81
C GLU B 23 -14.24 -23.60 -11.59
N LYS B 24 -14.90 -24.28 -10.66
CA LYS B 24 -14.19 -24.82 -9.50
C LYS B 24 -13.06 -25.77 -9.91
N ASN B 25 -13.32 -26.68 -10.85
CA ASN B 25 -12.28 -27.58 -11.33
C ASN B 25 -11.14 -26.86 -12.03
N LYS B 26 -11.43 -25.84 -12.82
CA LYS B 26 -10.35 -25.01 -13.42
C LYS B 26 -9.37 -24.51 -12.36
N THR B 27 -9.91 -24.02 -11.22
CA THR B 27 -9.07 -23.54 -10.11
C THR B 27 -8.23 -24.68 -9.50
N GLN B 28 -8.71 -25.89 -9.63
CA GLN B 28 -8.10 -27.03 -9.00
C GLN B 28 -7.20 -27.85 -9.85
N ASN B 29 -7.26 -27.71 -11.15
CA ASN B 29 -6.46 -28.55 -11.97
C ASN B 29 -5.14 -27.96 -12.45
N ASN B 30 -4.10 -28.19 -11.66
CA ASN B 30 -2.73 -27.77 -11.89
C ASN B 30 -2.17 -28.34 -13.14
N PHE B 31 -2.38 -29.63 -13.29
CA PHE B 31 -1.69 -30.44 -14.25
C PHE B 31 -0.24 -30.59 -13.90
N GLY B 32 -0.01 -30.75 -12.62
CA GLY B 32 1.29 -30.86 -12.17
C GLY B 32 2.15 -29.67 -12.61
N PHE B 33 1.53 -28.48 -12.47
CA PHE B 33 2.13 -27.15 -12.37
C PHE B 33 2.98 -26.93 -11.06
N ARG B 34 4.28 -26.78 -11.19
CA ARG B 34 4.97 -26.33 -10.04
C ARG B 34 5.77 -25.09 -10.19
N GLU B 35 5.73 -24.35 -9.13
CA GLU B 35 6.40 -23.12 -8.94
C GLU B 35 7.88 -23.29 -9.06
N THR B 36 8.47 -22.38 -9.76
CA THR B 36 9.88 -22.36 -9.89
C THR B 36 10.49 -21.85 -8.58
N TYR B 37 11.77 -22.08 -8.36
CA TYR B 37 12.35 -21.74 -7.06
C TYR B 37 12.39 -20.24 -6.80
N ASP B 38 12.64 -19.48 -7.83
CA ASP B 38 12.63 -18.03 -7.72
C ASP B 38 11.20 -17.46 -7.87
N GLN B 39 10.20 -18.33 -7.78
CA GLN B 39 8.78 -17.93 -7.88
C GLN B 39 8.52 -17.04 -9.10
N PHE B 40 8.97 -17.49 -10.29
CA PHE B 40 8.79 -16.78 -11.59
C PHE B 40 9.28 -15.32 -11.56
N LYS B 41 10.43 -15.13 -10.90
CA LYS B 41 11.10 -13.82 -10.78
C LYS B 41 10.45 -12.94 -9.75
N MET B 42 9.48 -13.48 -9.02
CA MET B 42 8.77 -12.65 -8.06
C MET B 42 9.13 -12.92 -6.60
N LYS B 43 9.92 -13.94 -6.35
CA LYS B 43 10.36 -14.22 -4.99
C LYS B 43 11.10 -13.04 -4.40
N ASP B 44 11.94 -12.44 -5.22
CA ASP B 44 12.73 -11.31 -4.86
C ASP B 44 12.19 -9.99 -5.44
N SER B 45 10.94 -9.99 -5.84
CA SER B 45 10.31 -8.80 -6.35
C SER B 45 8.89 -8.65 -5.82
N ALA B 46 7.91 -9.04 -6.61
CA ALA B 46 6.51 -8.82 -6.28
C ALA B 46 6.00 -9.52 -5.02
N PHE B 47 6.35 -10.78 -4.84
CA PHE B 47 5.88 -11.52 -3.67
C PHE B 47 6.56 -11.08 -2.37
N GLU B 48 7.64 -10.32 -2.49
CA GLU B 48 8.36 -9.81 -1.33
C GLU B 48 7.62 -8.64 -0.69
N LEU B 49 6.72 -8.01 -1.43
CA LEU B 49 6.20 -6.70 -1.04
C LEU B 49 4.89 -6.76 -0.26
N LEU B 50 4.41 -7.98 -0.01
CA LEU B 50 3.11 -8.26 0.58
C LEU B 50 3.25 -9.40 1.59
N ASP B 51 2.41 -9.40 2.64
CA ASP B 51 2.03 -10.62 3.38
C ASP B 51 0.78 -11.28 2.82
N VAL B 52 0.61 -12.55 3.15
CA VAL B 52 -0.57 -13.34 2.70
C VAL B 52 -1.91 -12.57 2.85
N ILE B 53 -2.68 -12.43 1.76
CA ILE B 53 -3.88 -11.56 1.74
C ILE B 53 -5.10 -12.23 2.40
N SER B 54 -5.03 -13.54 2.62
CA SER B 54 -6.13 -14.35 3.15
C SER B 54 -5.59 -15.51 3.99
N ASP B 60 -6.00 -12.39 13.93
CA ASP B 60 -4.63 -12.24 14.42
C ASP B 60 -3.65 -12.22 13.26
N ARG B 61 -3.72 -11.11 12.53
CA ARG B 61 -2.94 -10.90 11.32
C ARG B 61 -1.44 -10.81 11.59
N SER B 62 -1.09 -10.69 12.87
CA SER B 62 0.29 -10.64 13.33
C SER B 62 1.14 -11.85 12.87
N TYR B 63 0.48 -12.96 12.49
CA TYR B 63 1.17 -14.19 12.06
C TYR B 63 1.16 -14.48 10.55
N ALA B 64 0.39 -13.71 9.76
CA ALA B 64 0.36 -13.85 8.31
C ALA B 64 1.79 -13.85 7.79
N PRO B 65 2.17 -14.88 7.02
CA PRO B 65 3.55 -14.94 6.47
C PRO B 65 3.77 -14.01 5.26
N GLN B 66 5.02 -13.63 5.03
CA GLN B 66 5.41 -12.93 3.80
C GLN B 66 4.99 -13.76 2.58
N LEU B 67 4.58 -13.10 1.50
CA LEU B 67 3.96 -13.82 0.40
C LEU B 67 5.00 -14.60 -0.43
N ASN B 68 6.27 -14.22 -0.33
CA ASN B 68 7.35 -14.96 -0.96
C ASN B 68 7.94 -16.09 -0.11
N SER B 69 7.43 -16.26 1.12
CA SER B 69 8.06 -17.19 2.06
C SER B 69 7.90 -18.66 1.65
N ASN B 70 8.74 -19.48 2.28
CA ASN B 70 8.85 -20.86 1.94
C ASN B 70 7.93 -21.70 2.81
N THR B 71 6.62 -21.37 2.78
CA THR B 71 5.63 -21.98 3.65
C THR B 71 4.44 -22.44 2.83
N PRO B 72 3.68 -23.42 3.34
CA PRO B 72 2.48 -23.88 2.65
C PRO B 72 1.42 -22.78 2.48
N GLU B 73 1.10 -22.02 3.54
CA GLU B 73 0.04 -21.02 3.37
C GLU B 73 0.43 -19.91 2.34
N ALA B 74 1.70 -19.52 2.31
CA ALA B 74 2.16 -18.53 1.31
C ALA B 74 2.16 -19.11 -0.09
N GLU B 75 2.55 -20.37 -0.18
CA GLU B 75 2.58 -21.06 -1.46
C GLU B 75 1.17 -21.19 -2.02
N ASN B 76 0.22 -21.53 -1.14
CA ASN B 76 -1.21 -21.59 -1.50
C ASN B 76 -1.73 -20.24 -2.02
N GLU B 77 -1.24 -19.14 -1.48
CA GLU B 77 -1.62 -17.83 -1.98
C GLU B 77 -0.98 -17.45 -3.31
N ARG B 78 0.34 -17.63 -3.43
CA ARG B 78 0.99 -17.52 -4.74
C ARG B 78 0.30 -18.38 -5.81
N ASN B 79 -0.19 -19.56 -5.46
CA ASN B 79 -0.98 -20.39 -6.38
C ASN B 79 -2.27 -19.73 -6.90
N LYS B 80 -2.86 -18.84 -6.11
CA LYS B 80 -4.01 -18.02 -6.55
C LYS B 80 -3.60 -17.17 -7.69
N PHE B 81 -2.39 -16.59 -7.61
CA PHE B 81 -1.86 -15.76 -8.67
C PHE B 81 -1.70 -16.55 -9.95
N TYR B 82 -1.20 -17.77 -9.82
CA TYR B 82 -0.90 -18.63 -10.95
C TYR B 82 -2.23 -19.11 -11.54
N ALA B 83 -3.21 -19.36 -10.67
CA ALA B 83 -4.57 -19.69 -11.14
C ALA B 83 -5.21 -18.52 -11.90
N LEU B 84 -5.02 -17.29 -11.41
CA LEU B 84 -5.48 -16.16 -12.14
C LEU B 84 -4.86 -16.15 -13.57
N MET B 85 -3.63 -16.65 -13.72
CA MET B 85 -2.98 -16.69 -15.05
C MET B 85 -3.05 -18.04 -15.73
N ASP B 86 -4.04 -18.85 -15.31
CA ASP B 86 -4.33 -20.18 -15.90
C ASP B 86 -3.18 -21.18 -15.88
N PHE B 87 -2.32 -21.10 -14.86
CA PHE B 87 -1.20 -22.05 -14.74
C PHE B 87 -0.35 -22.08 -16.03
N ASP B 88 -0.28 -20.92 -16.67
CA ASP B 88 0.50 -20.69 -17.92
C ASP B 88 1.87 -20.18 -17.49
N GLN B 89 2.84 -21.10 -17.43
CA GLN B 89 4.09 -20.76 -16.77
C GLN B 89 4.84 -19.64 -17.52
N TYR B 90 4.70 -19.56 -18.83
CA TYR B 90 5.46 -18.49 -19.56
C TYR B 90 4.88 -17.11 -19.46
N LYS B 91 3.55 -17.03 -19.43
CA LYS B 91 2.83 -15.80 -19.12
C LYS B 91 3.18 -15.27 -17.72
N ILE B 92 3.19 -16.16 -16.72
CA ILE B 92 3.53 -15.76 -15.35
C ILE B 92 4.97 -15.25 -15.23
N GLU B 93 5.92 -15.94 -15.87
CA GLU B 93 7.32 -15.52 -15.92
C GLU B 93 7.47 -14.20 -16.72
N GLN B 94 6.75 -14.13 -17.83
CA GLN B 94 6.66 -12.88 -18.60
C GLN B 94 6.22 -11.71 -17.69
N PHE B 95 5.09 -11.83 -16.99
CA PHE B 95 4.67 -10.78 -16.04
C PHE B 95 5.71 -10.60 -14.92
N GLY B 96 6.24 -11.72 -14.44
CA GLY B 96 7.13 -11.74 -13.35
C GLY B 96 8.43 -11.03 -13.63
N SER B 97 8.92 -11.11 -14.85
CA SER B 97 10.18 -10.47 -15.21
C SER B 97 10.02 -8.95 -15.36
N ILE B 98 8.80 -8.51 -15.67
CA ILE B 98 8.52 -7.07 -15.70
C ILE B 98 8.46 -6.51 -14.27
N MET B 99 7.93 -7.29 -13.34
CA MET B 99 7.96 -6.93 -11.93
C MET B 99 9.40 -6.82 -11.42
N GLU B 100 10.30 -7.67 -11.93
CA GLU B 100 11.69 -7.65 -11.51
C GLU B 100 12.41 -6.38 -12.02
N ALA B 101 12.21 -6.05 -13.30
CA ALA B 101 12.69 -4.79 -13.88
C ALA B 101 12.23 -3.60 -13.04
N LEU B 102 10.93 -3.50 -12.78
CA LEU B 102 10.36 -2.45 -11.93
C LEU B 102 11.02 -2.36 -10.57
N TYR B 103 11.31 -3.51 -9.98
CA TYR B 103 11.75 -3.60 -8.61
C TYR B 103 13.10 -3.00 -8.36
N ASN B 104 13.88 -2.86 -9.43
CA ASN B 104 15.21 -2.27 -9.32
C ASN B 104 15.32 -0.87 -8.72
N GLU B 105 14.24 -0.10 -8.81
CA GLU B 105 14.12 1.20 -8.20
C GLU B 105 13.03 1.16 -7.16
N ASN B 106 13.36 1.54 -5.93
CA ASN B 106 12.42 1.38 -4.83
C ASN B 106 11.19 2.30 -4.95
N GLN B 107 11.32 3.36 -5.74
CA GLN B 107 10.18 4.22 -6.05
C GLN B 107 9.09 3.48 -6.88
N ASN B 108 9.41 2.32 -7.46
CA ASN B 108 8.35 1.51 -8.14
C ASN B 108 7.64 0.51 -7.28
N HIS B 109 8.18 0.22 -6.09
CA HIS B 109 7.71 -0.86 -5.24
C HIS B 109 6.27 -0.81 -4.90
N SER B 110 5.78 0.39 -4.57
CA SER B 110 4.33 0.49 -4.23
C SER B 110 3.43 0.27 -5.45
N LEU B 111 3.90 0.62 -6.65
CA LEU B 111 3.15 0.27 -7.86
C LEU B 111 3.11 -1.27 -8.07
N ILE B 112 4.25 -1.94 -7.85
CA ILE B 112 4.31 -3.40 -7.96
C ILE B 112 3.31 -4.02 -6.99
N ARG B 113 3.32 -3.51 -5.73
CA ARG B 113 2.46 -4.06 -4.66
C ARG B 113 1.00 -3.82 -5.09
N GLU B 114 0.69 -2.61 -5.52
CA GLU B 114 -0.63 -2.31 -6.02
C GLU B 114 -1.06 -3.29 -7.11
N LEU B 115 -0.15 -3.64 -8.02
CA LEU B 115 -0.50 -4.54 -9.13
C LEU B 115 -0.78 -5.93 -8.59
N MET B 116 0.00 -6.36 -7.62
CA MET B 116 -0.19 -7.70 -7.10
C MET B 116 -1.44 -7.83 -6.23
N ILE B 117 -1.74 -6.81 -5.42
CA ILE B 117 -3.01 -6.77 -4.67
C ILE B 117 -4.19 -6.89 -5.63
N SER B 118 -4.16 -6.17 -6.75
CA SER B 118 -5.30 -6.27 -7.69
C SER B 118 -5.44 -7.65 -8.34
N GLY B 119 -4.33 -8.29 -8.71
CA GLY B 119 -4.38 -9.64 -9.28
C GLY B 119 -4.83 -10.68 -8.24
N LEU B 120 -4.09 -10.76 -7.15
CA LEU B 120 -4.43 -11.69 -6.07
C LEU B 120 -5.84 -11.46 -5.60
N GLY B 121 -6.16 -10.20 -5.36
CA GLY B 121 -7.52 -9.87 -4.92
C GLY B 121 -8.60 -10.25 -5.92
N THR B 122 -8.29 -10.22 -7.20
CA THR B 122 -9.28 -10.65 -8.19
C THR B 122 -9.50 -12.14 -8.05
N GLN B 123 -8.43 -12.94 -7.96
CA GLN B 123 -8.61 -14.38 -7.93
C GLN B 123 -9.32 -14.80 -6.64
N ILE B 124 -8.93 -14.18 -5.52
CA ILE B 124 -9.36 -14.59 -4.19
C ILE B 124 -10.87 -14.39 -4.05
N SER B 125 -11.38 -13.22 -4.42
CA SER B 125 -12.82 -12.91 -4.39
C SER B 125 -13.60 -13.78 -5.35
N PHE B 126 -13.02 -13.96 -6.55
CA PHE B 126 -13.59 -14.78 -7.57
C PHE B 126 -13.88 -16.18 -6.97
N GLU B 127 -12.85 -16.85 -6.48
CA GLU B 127 -13.02 -18.14 -5.84
C GLU B 127 -13.98 -18.14 -4.64
N LEU B 128 -13.97 -17.05 -3.87
CA LEU B 128 -14.88 -16.86 -2.73
C LEU B 128 -16.33 -16.71 -3.23
N ALA B 129 -16.51 -15.96 -4.33
CA ALA B 129 -17.82 -15.82 -4.96
C ALA B 129 -18.35 -17.15 -5.51
N LEU B 130 -17.50 -17.93 -6.20
CA LEU B 130 -17.91 -19.26 -6.67
C LEU B 130 -18.51 -20.08 -5.51
N GLU B 131 -17.78 -20.17 -4.39
CA GLU B 131 -18.23 -20.91 -3.23
C GLU B 131 -19.55 -20.41 -2.68
N GLU B 132 -19.64 -19.09 -2.55
CA GLU B 132 -20.82 -18.43 -2.05
C GLU B 132 -22.09 -18.72 -2.90
N ILE B 133 -21.97 -18.47 -4.21
CA ILE B 133 -23.03 -18.80 -5.19
C ILE B 133 -23.50 -20.24 -5.03
N ASN B 134 -22.55 -21.16 -4.96
CA ASN B 134 -22.88 -22.57 -4.74
C ASN B 134 -23.69 -22.80 -3.44
N LYS B 135 -23.20 -22.17 -2.37
CA LYS B 135 -23.87 -22.10 -1.09
C LYS B 135 -25.30 -21.52 -1.21
N LYS B 136 -25.46 -20.38 -1.88
CA LYS B 136 -26.79 -19.74 -2.02
C LYS B 136 -27.80 -20.59 -2.80
N ILE B 137 -27.34 -21.25 -3.86
CA ILE B 137 -28.16 -22.18 -4.62
C ILE B 137 -28.78 -23.24 -3.68
N GLU B 138 -27.97 -23.73 -2.75
CA GLU B 138 -28.41 -24.77 -1.81
C GLU B 138 -29.41 -24.29 -0.79
N ILE B 139 -29.17 -23.12 -0.23
CA ILE B 139 -30.09 -22.53 0.72
C ILE B 139 -31.42 -22.32 -0.01
N PHE B 140 -31.39 -21.58 -1.12
CA PHE B 140 -32.61 -21.37 -1.91
C PHE B 140 -33.33 -22.64 -2.34
N ASN B 141 -32.60 -23.68 -2.70
CA ASN B 141 -33.23 -24.94 -3.05
C ASN B 141 -33.96 -25.56 -1.87
N GLN B 142 -33.31 -25.58 -0.69
CA GLN B 142 -34.00 -25.99 0.55
C GLN B 142 -35.25 -25.16 0.75
N ASP B 143 -35.10 -23.85 0.80
CA ASP B 143 -36.23 -22.96 0.93
C ASP B 143 -37.36 -23.26 -0.06
N TYR B 144 -37.00 -23.40 -1.32
CA TYR B 144 -37.96 -23.80 -2.32
C TYR B 144 -38.63 -25.14 -1.98
N LEU B 145 -37.86 -26.24 -1.94
CA LEU B 145 -38.41 -27.58 -1.66
C LEU B 145 -39.20 -27.65 -0.35
N ASN B 146 -38.79 -26.88 0.66
CA ASN B 146 -39.54 -26.69 1.92
C ASN B 146 -40.60 -25.60 1.81
N ALA B 147 -41.13 -25.42 0.60
CA ALA B 147 -42.25 -24.52 0.30
C ALA B 147 -42.20 -23.16 1.00
N LYS B 148 -41.00 -22.66 1.27
CA LYS B 148 -40.81 -21.39 1.96
C LYS B 148 -40.58 -20.24 0.98
N ILE B 149 -40.36 -20.56 -0.29
CA ILE B 149 -40.36 -19.54 -1.38
C ILE B 149 -41.04 -20.20 -2.59
N ASN B 150 -41.60 -19.38 -3.47
CA ASN B 150 -42.22 -19.93 -4.67
C ASN B 150 -41.19 -20.06 -5.78
N SER B 151 -41.59 -20.68 -6.88
CA SER B 151 -40.69 -20.92 -7.99
C SER B 151 -40.32 -19.64 -8.72
N PHE B 152 -41.15 -18.61 -8.61
CA PHE B 152 -40.78 -17.28 -9.14
C PHE B 152 -39.59 -16.65 -8.39
N ASP B 153 -39.68 -16.67 -7.05
CA ASP B 153 -38.61 -16.21 -6.15
C ASP B 153 -37.29 -16.96 -6.46
N PHE B 154 -37.38 -18.28 -6.60
CA PHE B 154 -36.21 -19.12 -6.82
C PHE B 154 -35.55 -18.80 -8.17
N THR B 155 -36.39 -18.55 -9.19
CA THR B 155 -35.95 -18.19 -10.54
C THR B 155 -35.26 -16.84 -10.52
N MET B 156 -35.84 -15.87 -9.82
CA MET B 156 -35.20 -14.55 -9.75
C MET B 156 -33.85 -14.59 -9.06
N LYS B 157 -33.75 -15.34 -7.96
CA LYS B 157 -32.46 -15.49 -7.29
C LYS B 157 -31.49 -16.21 -8.21
N LEU B 158 -31.93 -17.32 -8.81
CA LEU B 158 -31.03 -18.02 -9.72
C LEU B 158 -30.46 -17.09 -10.80
N LYS B 159 -31.28 -16.21 -11.37
CA LYS B 159 -30.77 -15.42 -12.49
C LYS B 159 -29.94 -14.21 -12.06
N GLU B 160 -30.14 -13.79 -10.82
CA GLU B 160 -29.36 -12.77 -10.18
C GLU B 160 -27.97 -13.37 -9.90
N LEU B 161 -27.95 -14.60 -9.39
CA LEU B 161 -26.73 -15.36 -9.21
C LEU B 161 -26.02 -15.65 -10.52
N LYS B 162 -26.77 -16.03 -11.56
CA LYS B 162 -26.15 -16.32 -12.83
C LYS B 162 -25.49 -15.05 -13.33
N SER B 163 -26.18 -13.94 -13.11
CA SER B 163 -25.66 -12.66 -13.57
C SER B 163 -24.40 -12.19 -12.80
N LYS B 164 -24.34 -12.50 -11.51
CA LYS B 164 -23.10 -12.28 -10.76
C LYS B 164 -21.99 -13.22 -11.19
N LEU B 165 -22.30 -14.51 -11.40
CA LEU B 165 -21.31 -15.41 -12.00
C LEU B 165 -20.68 -14.78 -13.26
N ASN B 166 -21.51 -14.17 -14.12
CA ASN B 166 -21.00 -13.67 -15.38
C ASN B 166 -20.17 -12.43 -15.19
N GLN B 167 -20.57 -11.59 -14.23
CA GLN B 167 -19.77 -10.44 -13.90
C GLN B 167 -18.36 -10.80 -13.38
N ILE B 168 -18.24 -11.83 -12.53
CA ILE B 168 -16.93 -12.19 -11.99
C ILE B 168 -16.07 -12.91 -13.06
N LEU B 169 -16.70 -13.63 -13.98
CA LEU B 169 -15.99 -14.23 -15.08
C LEU B 169 -15.42 -13.16 -16.00
N ASP B 170 -16.28 -12.28 -16.51
CA ASP B 170 -15.89 -11.14 -17.36
C ASP B 170 -14.78 -10.30 -16.74
N LYS B 171 -14.95 -9.90 -15.49
CA LYS B 171 -13.95 -9.07 -14.82
C LYS B 171 -12.65 -9.81 -14.47
N ARG B 172 -12.73 -11.11 -14.23
CA ARG B 172 -11.49 -11.86 -14.07
C ARG B 172 -10.77 -11.86 -15.44
N LYS B 173 -11.48 -12.24 -16.49
CA LYS B 173 -10.98 -12.12 -17.90
C LYS B 173 -10.40 -10.74 -18.19
N GLU B 174 -11.11 -9.69 -17.79
CA GLU B 174 -10.64 -8.31 -18.00
C GLU B 174 -9.27 -8.04 -17.33
N TRP B 175 -9.05 -8.51 -16.11
CA TRP B 175 -7.74 -8.34 -15.46
C TRP B 175 -6.66 -9.01 -16.30
N SER B 176 -7.01 -10.17 -16.81
CA SER B 176 -6.04 -11.03 -17.47
C SER B 176 -5.61 -10.53 -18.86
N ARG B 177 -6.49 -9.75 -19.50
CA ARG B 177 -6.24 -9.13 -20.80
C ARG B 177 -5.44 -7.86 -20.66
N GLN B 178 -5.57 -7.22 -19.51
CA GLN B 178 -4.72 -6.12 -19.19
C GLN B 178 -3.27 -6.61 -19.04
N ALA B 179 -3.07 -7.69 -18.26
CA ALA B 179 -1.77 -8.35 -18.15
C ALA B 179 -1.16 -8.79 -19.51
N ASP B 180 -2.02 -9.32 -20.39
CA ASP B 180 -1.68 -9.60 -21.78
C ASP B 180 -1.13 -8.35 -22.53
N GLY B 181 -1.82 -7.21 -22.41
CA GLY B 181 -1.37 -5.95 -22.99
C GLY B 181 0.05 -5.66 -22.51
N LEU B 182 0.24 -5.72 -21.18
CA LEU B 182 1.51 -5.31 -20.58
C LEU B 182 2.67 -6.18 -21.03
N ILE B 183 2.43 -7.50 -20.98
CA ILE B 183 3.38 -8.56 -21.45
C ILE B 183 3.74 -8.50 -22.96
N ALA B 184 2.73 -8.35 -23.80
CA ALA B 184 2.95 -8.11 -25.22
C ALA B 184 3.88 -6.87 -25.37
N ASN B 185 3.66 -5.80 -24.59
CA ASN B 185 4.53 -4.60 -24.67
C ASN B 185 5.92 -4.78 -24.02
N ALA B 186 5.96 -5.27 -22.78
CA ALA B 186 7.17 -5.09 -22.00
C ALA B 186 7.99 -6.31 -21.56
N SER B 187 7.48 -7.51 -21.67
CA SER B 187 8.24 -8.66 -21.26
C SER B 187 9.49 -8.97 -22.06
N SER B 188 9.55 -8.47 -23.27
CA SER B 188 10.70 -8.54 -24.12
C SER B 188 11.91 -7.69 -23.71
N ASN B 189 11.62 -6.58 -23.07
CA ASN B 189 12.56 -5.50 -22.91
C ASN B 189 12.58 -4.70 -21.61
N SER B 190 11.91 -5.16 -20.59
CA SER B 190 11.63 -4.33 -19.46
C SER B 190 12.87 -3.89 -18.67
N SER B 191 13.84 -4.74 -18.58
CA SER B 191 15.04 -4.49 -17.78
C SER B 191 16.08 -3.62 -18.54
N LEU B 192 15.86 -3.50 -19.84
CA LEU B 192 16.68 -2.72 -20.75
C LEU B 192 16.20 -1.26 -20.86
N SER B 193 14.99 -0.99 -20.39
CA SER B 193 14.32 0.27 -20.59
C SER B 193 14.48 1.22 -19.42
N ASP B 194 14.27 2.50 -19.68
CA ASP B 194 14.03 3.48 -18.64
C ASP B 194 12.87 2.97 -17.72
N SER B 195 13.17 2.75 -16.45
CA SER B 195 12.19 2.15 -15.55
C SER B 195 11.11 3.15 -15.14
N LYS B 196 11.46 4.42 -15.05
CA LYS B 196 10.51 5.50 -14.81
C LYS B 196 9.39 5.45 -15.87
N SER B 197 9.77 5.38 -17.15
CA SER B 197 8.81 5.29 -18.25
C SER B 197 7.94 4.08 -18.18
N LEU B 198 8.55 2.93 -17.95
CA LEU B 198 7.83 1.67 -17.72
C LEU B 198 6.77 1.83 -16.61
N ALA B 199 7.16 2.33 -15.46
CA ALA B 199 6.21 2.55 -14.39
C ALA B 199 5.12 3.49 -14.80
N GLU B 200 5.47 4.59 -15.44
CA GLU B 200 4.49 5.49 -15.99
C GLU B 200 3.58 4.85 -17.00
N TYR B 201 4.13 4.01 -17.85
CA TYR B 201 3.35 3.25 -18.80
C TYR B 201 2.30 2.40 -18.12
N ILE B 202 2.71 1.58 -17.16
CA ILE B 202 1.79 0.79 -16.37
C ILE B 202 0.69 1.58 -15.67
N LYS B 203 1.03 2.69 -15.06
CA LYS B 203 0.10 3.54 -14.36
C LYS B 203 -0.95 4.13 -15.26
N LYS B 204 -0.51 4.69 -16.36
CA LYS B 204 -1.47 5.35 -17.29
C LYS B 204 -2.32 4.38 -18.12
N ARG B 205 -1.75 3.23 -18.50
CA ARG B 205 -2.46 2.25 -19.33
C ARG B 205 -3.20 1.12 -18.63
N TYR B 206 -2.66 0.58 -17.53
CA TYR B 206 -3.22 -0.68 -17.00
C TYR B 206 -3.80 -0.66 -15.61
N LEU B 207 -3.26 0.18 -14.73
CA LEU B 207 -3.59 0.13 -13.31
C LEU B 207 -5.05 0.37 -13.00
N ASP B 208 -5.60 1.48 -13.50
CA ASP B 208 -7.02 1.76 -13.30
C ASP B 208 -7.82 0.55 -13.69
N ASN B 209 -7.61 0.01 -14.89
CA ASN B 209 -8.40 -1.16 -15.35
C ASN B 209 -8.27 -2.38 -14.42
N MET B 210 -7.04 -2.67 -13.99
CA MET B 210 -6.76 -3.79 -13.08
C MET B 210 -7.38 -3.63 -11.70
N GLN B 211 -7.28 -2.44 -11.10
CA GLN B 211 -8.00 -2.09 -9.85
C GLN B 211 -9.54 -2.15 -9.99
N ASN B 212 -10.07 -1.63 -11.08
CA ASN B 212 -11.50 -1.72 -11.40
C ASN B 212 -12.01 -3.16 -11.51
N ALA B 213 -11.26 -4.03 -12.19
CA ALA B 213 -11.67 -5.43 -12.31
C ALA B 213 -11.73 -6.10 -10.94
N ARG B 214 -10.67 -5.88 -10.17
CA ARG B 214 -10.62 -6.36 -8.81
C ARG B 214 -11.78 -5.83 -7.97
N GLN B 215 -12.01 -4.53 -8.03
CA GLN B 215 -13.12 -3.91 -7.30
C GLN B 215 -14.52 -4.48 -7.69
N SER B 216 -14.75 -4.74 -8.98
CA SER B 216 -16.04 -5.29 -9.44
C SER B 216 -16.20 -6.68 -8.93
N VAL B 217 -15.13 -7.48 -9.02
CA VAL B 217 -15.20 -8.85 -8.52
C VAL B 217 -15.48 -8.82 -7.01
N LEU B 218 -14.78 -7.95 -6.30
CA LEU B 218 -15.00 -7.77 -4.86
C LEU B 218 -16.48 -7.46 -4.53
N GLU B 219 -17.05 -6.45 -5.20
CA GLU B 219 -18.43 -6.01 -4.95
C GLU B 219 -19.45 -7.10 -5.29
N ALA B 220 -19.24 -7.78 -6.42
CA ALA B 220 -20.07 -8.90 -6.78
C ALA B 220 -20.07 -9.96 -5.67
N TYR B 221 -18.89 -10.30 -5.17
CA TYR B 221 -18.77 -11.22 -4.02
C TYR B 221 -19.59 -10.72 -2.82
N ILE B 222 -19.41 -9.45 -2.44
CA ILE B 222 -20.11 -8.92 -1.25
C ILE B 222 -21.63 -8.95 -1.45
N SER B 223 -22.08 -8.64 -2.66
CA SER B 223 -23.51 -8.56 -2.95
C SER B 223 -24.25 -9.91 -3.01
N ILE B 224 -23.51 -11.01 -2.88
CA ILE B 224 -24.03 -12.37 -2.90
C ILE B 224 -24.19 -12.91 -1.48
N MET B 225 -23.53 -12.25 -0.54
CA MET B 225 -23.45 -12.68 0.86
C MET B 225 -24.80 -12.71 1.57
#